data_8K5W
#
_entry.id   8K5W
#
_cell.length_a   90.319
_cell.length_b   73.002
_cell.length_c   75.994
_cell.angle_alpha   90.00
_cell.angle_beta   102.57
_cell.angle_gamma   90.00
#
_symmetry.space_group_name_H-M   'C 1 2 1'
#
loop_
_entity.id
_entity.type
_entity.pdbx_description
1 polymer 'Matrix metalloproteinase-9'
2 non-polymer 'ZINC ION'
3 non-polymer 'CALCIUM ION'
4 non-polymer 2-[[5-fluoranyl-7-(methylamino)-1H-indol-2-yl]carbonyl]-N-(2-pyrrol-1-ylethyl)-3,4-dihydro-1H-isoquinoline-7-carboxamide
5 non-polymer 'DIHYDROGENPHOSPHATE ION'
6 water water
#
_entity_poly.entity_id   1
_entity_poly.type   'polypeptide(L)'
_entity_poly.pdbx_seq_one_letter_code
;MVLFPGDLRTNLTDRQLAEEYLYRYGYTRVAEMRGESKSLGPALLLLQKQLSLPETGELDSATLKAMRTPRCGVPDLGRF
QTFEGDLKWHHHNITYWIQNYSEDLPRAVIDDAFARAFALWSAVTPLTFTRVYSRDADIVIQFGVAEHGDGYPFDGKDGL
LAHAFPPGPGIQGDAHFDDDELWSLGKGQGYSLFLVAAHEFGHALGLDHSSVPEALMYPMYRFTEGPPLHKDDVNGIRHL
YG
;
_entity_poly.pdbx_strand_id   A,B
#
# COMPACT_ATOMS: atom_id res chain seq x y z
N ASN A 11 22.59 32.07 -6.81
CA ASN A 11 21.83 30.95 -7.45
C ASN A 11 20.94 31.49 -8.57
N LEU A 12 20.09 30.62 -9.12
CA LEU A 12 19.16 30.94 -10.24
C LEU A 12 18.07 31.91 -9.77
N THR A 13 17.68 32.86 -10.62
CA THR A 13 16.45 33.67 -10.46
C THR A 13 15.26 32.74 -10.63
N ASP A 14 14.18 33.03 -9.88
CA ASP A 14 12.82 32.45 -10.06
C ASP A 14 12.55 32.23 -11.55
N ARG A 15 12.83 33.25 -12.36
CA ARG A 15 12.63 33.20 -13.83
C ARG A 15 13.47 32.04 -14.39
N GLN A 16 14.75 31.96 -14.04
CA GLN A 16 15.70 30.94 -14.56
C GLN A 16 15.36 29.54 -14.04
N LEU A 17 15.06 29.40 -12.75
CA LEU A 17 14.60 28.10 -12.18
C LEU A 17 13.37 27.59 -12.95
N ALA A 18 12.43 28.48 -13.22
CA ALA A 18 11.22 28.16 -13.99
C ALA A 18 11.63 27.62 -15.37
N GLU A 19 12.52 28.32 -16.07
CA GLU A 19 12.93 28.00 -17.47
C GLU A 19 13.57 26.63 -17.50
N GLU A 20 14.42 26.36 -16.51
CA GLU A 20 15.19 25.09 -16.40
C GLU A 20 14.19 23.95 -16.16
N TYR A 21 13.29 24.14 -15.22
CA TYR A 21 12.20 23.17 -14.90
C TYR A 21 11.32 22.89 -16.13
N LEU A 22 10.77 23.92 -16.75
CA LEU A 22 9.91 23.70 -17.95
C LEU A 22 10.72 22.93 -19.01
N TYR A 23 12.01 23.22 -19.11
CA TYR A 23 12.84 22.61 -20.16
C TYR A 23 13.09 21.15 -19.81
N ARG A 24 13.57 20.93 -18.61
CA ARG A 24 14.04 19.62 -18.12
C ARG A 24 12.90 18.60 -18.16
N TYR A 25 11.67 18.99 -17.83
CA TYR A 25 10.56 18.00 -17.68
C TYR A 25 9.73 17.94 -18.97
N GLY A 26 10.16 18.66 -20.02
CA GLY A 26 9.65 18.46 -21.40
C GLY A 26 8.58 19.45 -21.80
N TYR A 27 8.29 20.46 -20.99
CA TYR A 27 7.17 21.40 -21.26
C TYR A 27 7.56 22.39 -22.36
N THR A 28 8.80 22.86 -22.33
CA THR A 28 9.31 23.83 -23.33
C THR A 28 9.16 23.18 -24.71
N ARG A 29 9.65 21.96 -24.88
CA ARG A 29 9.60 21.20 -26.16
C ARG A 29 8.15 21.13 -26.66
N VAL A 30 7.20 20.75 -25.82
CA VAL A 30 5.79 20.61 -26.29
C VAL A 30 5.26 21.98 -26.74
N ALA A 31 5.55 23.07 -26.04
CA ALA A 31 5.11 24.42 -26.43
C ALA A 31 5.77 24.84 -27.76
N GLU A 32 7.05 24.49 -27.99
CA GLU A 32 7.76 24.70 -29.28
C GLU A 32 6.94 24.04 -30.41
N MET A 33 6.51 22.80 -30.19
CA MET A 33 5.79 21.99 -31.21
C MET A 33 4.44 22.64 -31.54
N ARG A 34 3.95 23.55 -30.69
CA ARG A 34 2.67 24.27 -30.89
C ARG A 34 2.94 25.72 -31.26
N GLY A 35 4.19 26.07 -31.60
CA GLY A 35 4.57 27.39 -32.13
C GLY A 35 4.69 28.47 -31.08
N GLU A 36 4.67 28.13 -29.79
CA GLU A 36 4.54 29.16 -28.72
C GLU A 36 5.63 28.98 -27.66
N SER A 37 6.89 29.17 -28.06
CA SER A 37 8.06 29.09 -27.15
C SER A 37 8.64 30.48 -26.84
N LYS A 38 8.36 31.49 -27.68
CA LYS A 38 8.62 32.94 -27.47
C LYS A 38 8.58 33.42 -26.01
N SER A 39 7.63 32.91 -25.20
CA SER A 39 7.28 33.37 -23.81
C SER A 39 6.80 32.16 -22.99
N LEU A 40 6.76 32.25 -21.65
CA LEU A 40 6.65 31.06 -20.76
C LEU A 40 5.19 30.63 -20.59
N GLY A 41 4.26 31.55 -20.86
CA GLY A 41 2.83 31.36 -20.57
C GLY A 41 2.33 29.99 -20.99
N PRO A 42 2.49 29.61 -22.27
CA PRO A 42 1.94 28.35 -22.75
C PRO A 42 2.55 27.14 -22.04
N ALA A 43 3.87 27.12 -21.87
CA ALA A 43 4.59 26.02 -21.16
C ALA A 43 4.03 25.91 -19.73
N LEU A 44 3.80 27.05 -19.07
CA LEU A 44 3.31 27.12 -17.67
C LEU A 44 1.91 26.48 -17.58
N LEU A 45 1.05 26.70 -18.57
CA LEU A 45 -0.31 26.11 -18.60
C LEU A 45 -0.21 24.59 -18.72
N LEU A 46 0.69 24.11 -19.57
CA LEU A 46 0.90 22.65 -19.74
C LEU A 46 1.34 22.11 -18.39
N LEU A 47 2.23 22.85 -17.73
CA LEU A 47 2.75 22.41 -16.43
C LEU A 47 1.60 22.40 -15.42
N GLN A 48 0.81 23.49 -15.36
CA GLN A 48 -0.26 23.63 -14.34
C GLN A 48 -1.26 22.50 -14.54
N LYS A 49 -1.61 22.22 -15.79
CA LYS A 49 -2.48 21.09 -16.14
C LYS A 49 -1.86 19.78 -15.65
N GLN A 50 -0.62 19.54 -16.02
CA GLN A 50 0.07 18.26 -15.79
C GLN A 50 0.24 18.02 -14.28
N LEU A 51 0.33 19.06 -13.45
CA LEU A 51 0.51 18.93 -11.97
C LEU A 51 -0.78 19.27 -11.19
N SER A 52 -1.89 19.55 -11.88
CA SER A 52 -3.22 19.87 -11.30
C SER A 52 -3.11 21.13 -10.43
N LEU A 53 -2.39 22.15 -10.91
CA LEU A 53 -2.37 23.48 -10.28
C LEU A 53 -3.45 24.30 -10.97
N PRO A 54 -3.95 25.39 -10.35
CA PRO A 54 -4.85 26.28 -11.07
C PRO A 54 -4.17 26.73 -12.37
N GLU A 55 -4.89 26.68 -13.49
CA GLU A 55 -4.31 26.89 -14.84
C GLU A 55 -4.31 28.39 -15.16
N THR A 56 -3.40 29.14 -14.57
CA THR A 56 -3.33 30.62 -14.75
C THR A 56 -2.44 30.98 -15.94
N GLY A 57 -1.51 30.11 -16.32
CA GLY A 57 -0.46 30.46 -17.29
C GLY A 57 0.47 31.54 -16.78
N GLU A 58 0.50 31.73 -15.46
CA GLU A 58 1.40 32.72 -14.82
C GLU A 58 2.42 31.96 -13.95
N LEU A 59 3.63 32.51 -13.86
CA LEU A 59 4.65 32.09 -12.88
C LEU A 59 4.20 32.65 -11.53
N ASP A 60 3.19 32.00 -10.95
CA ASP A 60 2.50 32.47 -9.72
C ASP A 60 3.06 31.69 -8.53
N SER A 61 2.54 31.97 -7.34
CA SER A 61 3.09 31.42 -6.08
C SER A 61 2.96 29.90 -6.05
N ALA A 62 1.82 29.34 -6.44
CA ALA A 62 1.56 27.88 -6.45
C ALA A 62 2.50 27.22 -7.47
N THR A 63 2.78 27.90 -8.59
CA THR A 63 3.62 27.31 -9.67
C THR A 63 5.08 27.34 -9.22
N LEU A 64 5.53 28.46 -8.66
CA LEU A 64 6.93 28.57 -8.16
C LEU A 64 7.11 27.59 -6.98
N LYS A 65 6.12 27.51 -6.08
CA LYS A 65 6.13 26.53 -4.98
C LYS A 65 6.37 25.15 -5.62
N ALA A 66 5.51 24.74 -6.54
CA ALA A 66 5.63 23.45 -7.28
C ALA A 66 7.04 23.27 -7.86
N MET A 67 7.55 24.27 -8.57
CA MET A 67 8.87 24.13 -9.23
C MET A 67 10.03 23.97 -8.22
N ARG A 68 9.93 24.56 -7.03
CA ARG A 68 10.90 24.35 -5.93
C ARG A 68 10.68 23.01 -5.19
N THR A 69 9.65 22.23 -5.51
CA THR A 69 9.37 21.01 -4.72
C THR A 69 10.27 19.89 -5.22
N PRO A 70 11.00 19.19 -4.33
CA PRO A 70 11.78 18.02 -4.69
C PRO A 70 10.89 16.97 -5.37
N ARG A 71 11.41 16.32 -6.40
CA ARG A 71 10.59 15.50 -7.31
C ARG A 71 11.44 14.44 -8.03
N CYS A 72 10.77 13.63 -8.82
CA CYS A 72 11.35 12.58 -9.66
C CYS A 72 12.08 13.22 -10.86
N GLY A 73 13.22 12.68 -11.27
CA GLY A 73 13.98 13.25 -12.41
C GLY A 73 13.47 12.75 -13.74
N VAL A 74 12.46 11.89 -13.73
CA VAL A 74 11.83 11.40 -15.00
C VAL A 74 11.03 12.56 -15.57
N PRO A 75 11.11 12.85 -16.90
CA PRO A 75 10.31 13.91 -17.50
C PRO A 75 8.81 13.62 -17.47
N ASP A 76 7.99 14.65 -17.59
CA ASP A 76 6.51 14.59 -17.49
C ASP A 76 5.94 14.41 -18.90
N LEU A 77 6.56 15.02 -19.90
CA LEU A 77 6.16 14.93 -21.33
C LEU A 77 7.37 14.43 -22.13
N GLY A 78 7.31 13.17 -22.59
CA GLY A 78 8.24 12.59 -23.58
C GLY A 78 9.69 12.51 -23.09
N THR A 82 14.50 7.80 -26.45
CA THR A 82 14.09 6.69 -27.36
C THR A 82 14.53 5.36 -26.73
N PHE A 83 13.56 4.53 -26.33
CA PHE A 83 13.79 3.21 -25.67
C PHE A 83 13.46 2.12 -26.67
N GLU A 84 13.68 0.86 -26.32
CA GLU A 84 13.43 -0.27 -27.24
C GLU A 84 12.31 -1.14 -26.64
N GLY A 85 11.41 -1.65 -27.52
CA GLY A 85 10.24 -2.47 -27.15
C GLY A 85 9.03 -1.64 -26.76
N ASP A 86 7.97 -2.32 -26.28
CA ASP A 86 6.65 -1.72 -26.00
C ASP A 86 6.54 -1.24 -24.53
N LEU A 87 7.62 -1.24 -23.75
CA LEU A 87 7.74 -0.61 -22.38
C LEU A 87 6.84 -1.32 -21.36
N LYS A 88 6.60 -2.61 -21.52
CA LYS A 88 6.09 -3.48 -20.42
C LYS A 88 6.98 -4.72 -20.35
N TRP A 89 6.97 -5.40 -19.21
CA TRP A 89 7.68 -6.68 -19.01
C TRP A 89 6.90 -7.79 -19.71
N HIS A 90 7.61 -8.79 -20.22
CA HIS A 90 7.04 -9.92 -21.00
C HIS A 90 7.37 -11.22 -20.28
N HIS A 91 7.59 -11.16 -18.96
CA HIS A 91 7.73 -12.35 -18.07
C HIS A 91 7.19 -12.01 -16.69
N HIS A 92 6.74 -13.01 -15.96
CA HIS A 92 6.04 -12.88 -14.65
C HIS A 92 7.05 -12.53 -13.53
N ASN A 93 8.23 -13.18 -13.47
CA ASN A 93 9.12 -13.06 -12.28
C ASN A 93 10.20 -11.99 -12.53
N ILE A 94 9.98 -10.80 -12.00
CA ILE A 94 10.92 -9.67 -12.20
C ILE A 94 12.00 -9.80 -11.13
N THR A 95 13.25 -9.72 -11.56
CA THR A 95 14.41 -9.83 -10.65
C THR A 95 15.00 -8.44 -10.43
N TYR A 96 15.46 -8.19 -9.21
CA TYR A 96 16.21 -6.95 -8.90
C TYR A 96 17.54 -7.25 -8.18
N TRP A 97 18.55 -6.48 -8.57
CA TRP A 97 19.90 -6.55 -7.95
C TRP A 97 20.26 -5.18 -7.37
N ILE A 98 20.48 -5.14 -6.05
CA ILE A 98 20.96 -3.92 -5.34
C ILE A 98 22.47 -3.80 -5.60
N GLN A 99 22.84 -3.17 -6.70
CA GLN A 99 24.23 -3.10 -7.20
C GLN A 99 25.14 -2.47 -6.14
N ASN A 100 24.71 -1.37 -5.51
CA ASN A 100 25.50 -0.72 -4.43
C ASN A 100 24.56 -0.16 -3.36
N TYR A 101 25.15 0.40 -2.32
CA TYR A 101 24.44 0.96 -1.15
C TYR A 101 24.81 2.41 -0.91
N SER A 102 23.85 3.20 -0.42
CA SER A 102 24.07 4.47 0.30
C SER A 102 24.58 4.08 1.67
N GLU A 103 25.51 4.86 2.19
CA GLU A 103 25.98 4.80 3.59
C GLU A 103 24.98 5.45 4.54
N ASP A 104 23.88 6.07 4.05
CA ASP A 104 22.95 6.86 4.92
C ASP A 104 22.14 5.92 5.82
N LEU A 105 21.99 4.64 5.45
CA LEU A 105 21.13 3.70 6.22
C LEU A 105 21.82 2.34 6.34
N PRO A 106 21.45 1.50 7.34
CA PRO A 106 21.96 0.12 7.39
C PRO A 106 21.52 -0.64 6.13
N ARG A 107 22.33 -1.59 5.68
CA ARG A 107 22.06 -2.39 4.46
C ARG A 107 20.73 -3.13 4.63
N ALA A 108 20.43 -3.68 5.81
CA ALA A 108 19.17 -4.43 6.03
C ALA A 108 17.97 -3.49 5.88
N VAL A 109 18.09 -2.24 6.35
CA VAL A 109 16.96 -1.26 6.24
C VAL A 109 16.74 -0.89 4.75
N ILE A 110 17.80 -0.61 4.00
CA ILE A 110 17.77 -0.38 2.53
C ILE A 110 17.15 -1.60 1.83
N ASP A 111 17.60 -2.81 2.13
CA ASP A 111 17.08 -4.05 1.49
C ASP A 111 15.58 -4.18 1.75
N ASP A 112 15.19 -3.94 3.00
CA ASP A 112 13.79 -3.98 3.46
C ASP A 112 12.98 -2.84 2.83
N ALA A 113 13.54 -1.64 2.63
CA ALA A 113 12.78 -0.51 2.04
C ALA A 113 12.39 -0.90 0.62
N PHE A 114 13.32 -1.52 -0.11
CA PHE A 114 13.08 -1.96 -1.52
C PHE A 114 12.11 -3.16 -1.51
N ALA A 115 12.28 -4.11 -0.61
CA ALA A 115 11.34 -5.27 -0.50
C ALA A 115 9.93 -4.73 -0.31
N ARG A 116 9.79 -3.74 0.58
CA ARG A 116 8.44 -3.19 0.94
C ARG A 116 7.90 -2.45 -0.29
N ALA A 117 8.73 -1.71 -1.05
CA ALA A 117 8.32 -0.99 -2.27
C ALA A 117 7.78 -2.00 -3.28
N PHE A 118 8.39 -3.19 -3.38
CA PHE A 118 7.99 -4.22 -4.38
C PHE A 118 6.72 -4.96 -3.90
N ALA A 119 6.58 -5.25 -2.62
CA ALA A 119 5.37 -5.89 -2.03
C ALA A 119 4.13 -4.99 -2.29
N LEU A 120 4.33 -3.68 -2.42
CA LEU A 120 3.23 -2.70 -2.69
C LEU A 120 2.64 -3.04 -4.06
N TRP A 121 3.48 -3.21 -5.09
CA TRP A 121 3.07 -3.45 -6.49
C TRP A 121 2.70 -4.93 -6.70
N SER A 122 3.39 -5.82 -6.01
CA SER A 122 3.21 -7.29 -6.16
C SER A 122 1.72 -7.63 -5.92
N ALA A 123 1.06 -6.96 -4.98
CA ALA A 123 -0.34 -7.26 -4.60
C ALA A 123 -1.30 -6.84 -5.72
N VAL A 124 -0.90 -5.95 -6.66
CA VAL A 124 -1.87 -5.32 -7.63
C VAL A 124 -1.46 -5.56 -9.08
N THR A 125 -0.47 -6.43 -9.31
CA THR A 125 0.05 -6.78 -10.64
C THR A 125 0.17 -8.29 -10.67
N PRO A 126 0.09 -8.91 -11.86
CA PRO A 126 0.41 -10.32 -12.01
C PRO A 126 1.93 -10.58 -11.96
N LEU A 127 2.74 -9.60 -11.54
CA LEU A 127 4.22 -9.75 -11.49
C LEU A 127 4.67 -10.23 -10.12
N THR A 128 5.79 -10.93 -10.04
CA THR A 128 6.49 -11.14 -8.74
C THR A 128 7.83 -10.45 -8.84
N PHE A 129 8.40 -10.16 -7.69
CA PHE A 129 9.69 -9.46 -7.54
C PHE A 129 10.58 -10.36 -6.68
N THR A 130 11.75 -10.74 -7.18
CA THR A 130 12.66 -11.61 -6.40
C THR A 130 14.04 -10.98 -6.41
N ARG A 131 14.62 -10.83 -5.22
CA ARG A 131 16.00 -10.29 -5.07
C ARG A 131 17.00 -11.33 -5.57
N VAL A 132 17.94 -10.86 -6.40
CA VAL A 132 19.10 -11.67 -6.87
C VAL A 132 20.39 -10.88 -6.61
N TYR A 133 21.51 -11.54 -6.88
CA TYR A 133 22.88 -10.95 -6.87
C TYR A 133 23.55 -11.33 -8.18
N SER A 134 23.31 -10.52 -9.21
CA SER A 134 23.73 -10.79 -10.60
C SER A 134 23.54 -9.52 -11.43
N ARG A 135 24.50 -9.22 -12.32
CA ARG A 135 24.46 -8.08 -13.29
C ARG A 135 23.17 -8.13 -14.14
N ASP A 136 22.58 -9.31 -14.34
CA ASP A 136 21.52 -9.55 -15.36
C ASP A 136 20.12 -9.42 -14.78
N ALA A 137 19.99 -9.07 -13.50
CA ALA A 137 18.68 -8.71 -12.90
C ALA A 137 17.93 -7.82 -13.90
N ASP A 138 16.60 -7.91 -13.93
CA ASP A 138 15.78 -7.01 -14.79
C ASP A 138 15.90 -5.58 -14.27
N ILE A 139 15.71 -5.44 -12.96
CA ILE A 139 15.75 -4.09 -12.32
C ILE A 139 17.04 -4.00 -11.51
N VAL A 140 18.01 -3.25 -12.02
CA VAL A 140 19.28 -2.96 -11.29
C VAL A 140 19.07 -1.65 -10.53
N ILE A 141 19.21 -1.73 -9.21
CA ILE A 141 19.09 -0.59 -8.27
C ILE A 141 20.52 -0.10 -8.00
N GLN A 142 20.71 1.21 -8.14
CA GLN A 142 22.02 1.89 -8.04
C GLN A 142 21.81 3.22 -7.30
N PHE A 143 22.68 3.53 -6.32
CA PHE A 143 22.86 4.89 -5.76
C PHE A 143 23.99 5.56 -6.52
N GLY A 144 23.88 6.85 -6.86
CA GLY A 144 24.95 7.57 -7.57
C GLY A 144 24.82 9.06 -7.34
N VAL A 145 25.81 9.86 -7.78
CA VAL A 145 25.76 11.35 -7.67
C VAL A 145 26.27 11.94 -8.99
N ALA A 146 25.84 13.17 -9.29
CA ALA A 146 26.20 13.90 -10.53
C ALA A 146 26.09 12.90 -11.70
N GLU A 147 27.06 12.89 -12.63
CA GLU A 147 27.11 11.87 -13.71
C GLU A 147 27.51 10.55 -13.05
N HIS A 148 26.76 9.48 -13.30
CA HIS A 148 26.83 8.16 -12.61
C HIS A 148 26.71 7.03 -13.63
N GLY A 149 26.89 7.33 -14.92
CA GLY A 149 27.14 6.32 -15.94
C GLY A 149 26.03 6.24 -16.95
N ASP A 150 24.98 7.06 -16.85
CA ASP A 150 23.86 6.92 -17.81
C ASP A 150 23.62 8.24 -18.55
N GLY A 151 24.41 9.26 -18.29
CA GLY A 151 24.28 10.57 -18.95
C GLY A 151 22.98 11.28 -18.60
N TYR A 152 22.32 10.88 -17.51
CA TYR A 152 21.18 11.62 -16.90
C TYR A 152 21.63 11.98 -15.50
N PRO A 153 22.56 12.94 -15.38
CA PRO A 153 23.27 13.18 -14.13
C PRO A 153 22.31 13.75 -13.10
N PHE A 154 22.54 13.47 -11.83
CA PHE A 154 21.79 14.06 -10.71
C PHE A 154 22.34 15.46 -10.49
N ASP A 155 21.75 16.21 -9.56
CA ASP A 155 21.82 17.71 -9.50
C ASP A 155 22.28 18.16 -8.13
N GLY A 156 22.95 17.29 -7.37
CA GLY A 156 23.35 17.59 -5.98
C GLY A 156 22.15 17.53 -5.07
N LYS A 157 22.18 18.22 -3.93
CA LYS A 157 21.15 18.09 -2.87
C LYS A 157 19.79 18.59 -3.38
N ASP A 158 18.70 17.90 -2.99
CA ASP A 158 17.30 18.25 -3.32
C ASP A 158 17.12 18.29 -4.85
N GLY A 159 16.18 19.10 -5.36
CA GLY A 159 15.66 18.99 -6.74
C GLY A 159 15.26 17.56 -7.09
N LEU A 160 15.91 16.96 -8.09
CA LEU A 160 15.75 15.53 -8.53
C LEU A 160 16.13 14.57 -7.40
N LEU A 161 15.28 13.62 -7.02
CA LEU A 161 15.59 12.66 -5.92
C LEU A 161 16.06 11.32 -6.49
N ALA A 162 15.61 10.96 -7.69
CA ALA A 162 15.83 9.64 -8.31
C ALA A 162 15.23 9.65 -9.71
N HIS A 163 15.54 8.62 -10.49
CA HIS A 163 14.84 8.33 -11.76
C HIS A 163 14.85 6.82 -12.03
N ALA A 164 14.16 6.44 -13.08
CA ALA A 164 14.04 5.04 -13.49
C ALA A 164 13.70 5.04 -14.97
N PHE A 165 13.74 3.83 -15.54
CA PHE A 165 13.67 3.56 -16.99
C PHE A 165 12.58 2.53 -17.19
N PRO A 166 11.79 2.68 -18.27
CA PRO A 166 10.66 1.81 -18.50
C PRO A 166 11.15 0.39 -18.77
N PRO A 167 10.30 -0.63 -18.58
CA PRO A 167 10.70 -2.01 -18.83
C PRO A 167 11.40 -2.20 -20.18
N GLY A 168 12.22 -3.23 -20.23
CA GLY A 168 12.98 -3.62 -21.42
C GLY A 168 14.37 -4.05 -21.01
N PRO A 169 15.31 -4.12 -21.97
CA PRO A 169 16.63 -4.69 -21.71
C PRO A 169 17.63 -3.68 -21.12
N GLY A 170 18.63 -4.19 -20.40
CA GLY A 170 19.79 -3.42 -19.93
C GLY A 170 19.38 -2.35 -18.95
N ILE A 171 19.76 -1.09 -19.22
CA ILE A 171 19.41 0.05 -18.31
C ILE A 171 17.88 0.12 -18.18
N GLN A 172 17.12 -0.32 -19.18
CA GLN A 172 15.65 -0.27 -19.12
C GLN A 172 15.23 -1.08 -17.88
N GLY A 173 14.29 -0.56 -17.11
CA GLY A 173 13.77 -1.18 -15.87
C GLY A 173 14.60 -0.83 -14.64
N ASP A 174 15.76 -0.21 -14.81
CA ASP A 174 16.66 0.08 -13.68
C ASP A 174 16.18 1.35 -12.95
N ALA A 175 16.52 1.45 -11.67
CA ALA A 175 16.13 2.55 -10.78
C ALA A 175 17.39 3.12 -10.12
N HIS A 176 17.57 4.42 -10.19
CA HIS A 176 18.75 5.13 -9.62
C HIS A 176 18.28 6.14 -8.58
N PHE A 177 19.01 6.24 -7.49
CA PHE A 177 18.72 7.15 -6.36
C PHE A 177 19.90 8.09 -6.16
N ASP A 178 19.61 9.39 -6.09
CA ASP A 178 20.60 10.47 -5.91
C ASP A 178 21.15 10.42 -4.47
N ASP A 179 22.40 9.97 -4.27
CA ASP A 179 22.99 9.81 -2.91
C ASP A 179 23.46 11.18 -2.37
N ASP A 180 23.30 12.27 -3.13
CA ASP A 180 23.46 13.65 -2.63
C ASP A 180 22.23 13.99 -1.78
N GLU A 181 21.18 13.17 -1.81
CA GLU A 181 20.06 13.30 -0.85
C GLU A 181 20.39 12.50 0.39
N LEU A 182 19.93 12.97 1.54
CA LEU A 182 19.88 12.14 2.76
C LEU A 182 18.73 11.15 2.61
N TRP A 183 19.06 9.87 2.47
CA TRP A 183 18.05 8.79 2.44
C TRP A 183 17.68 8.38 3.88
N SER A 184 16.40 8.29 4.19
CA SER A 184 15.89 7.87 5.52
C SER A 184 14.61 7.06 5.31
N LEU A 185 13.77 6.94 6.33
CA LEU A 185 12.39 6.42 6.13
C LEU A 185 11.40 7.61 6.14
N GLY A 186 11.93 8.83 5.96
CA GLY A 186 11.13 10.05 5.75
C GLY A 186 10.76 10.69 7.08
N LYS A 187 11.15 10.04 8.18
CA LYS A 187 10.91 10.50 9.56
C LYS A 187 12.12 11.28 10.04
N GLY A 188 11.87 12.42 10.67
CA GLY A 188 12.89 13.41 11.02
C GLY A 188 13.49 13.97 9.76
N GLN A 189 14.76 13.69 9.50
CA GLN A 189 15.53 14.23 8.34
C GLN A 189 15.46 13.25 7.17
N GLY A 190 15.48 13.80 5.95
CA GLY A 190 15.74 13.03 4.72
C GLY A 190 14.47 12.56 4.04
N TYR A 191 14.63 12.03 2.84
CA TYR A 191 13.55 11.52 1.98
C TYR A 191 13.33 10.04 2.29
N SER A 192 12.06 9.65 2.31
CA SER A 192 11.71 8.22 2.51
C SER A 192 12.21 7.44 1.32
N LEU A 193 13.22 6.59 1.53
CA LEU A 193 13.68 5.67 0.47
C LEU A 193 12.53 4.74 0.08
N PHE A 194 11.69 4.30 1.02
CA PHE A 194 10.56 3.40 0.69
C PHE A 194 9.62 4.11 -0.31
N LEU A 195 9.24 5.36 -0.02
CA LEU A 195 8.23 6.06 -0.86
C LEU A 195 8.83 6.40 -2.21
N VAL A 196 10.09 6.83 -2.28
CA VAL A 196 10.75 7.17 -3.58
C VAL A 196 10.94 5.90 -4.42
N ALA A 197 11.37 4.79 -3.80
CA ALA A 197 11.57 3.50 -4.48
C ALA A 197 10.20 3.04 -5.01
N ALA A 198 9.14 3.04 -4.19
CA ALA A 198 7.80 2.64 -4.68
C ALA A 198 7.41 3.44 -5.93
N HIS A 199 7.64 4.75 -5.94
CA HIS A 199 7.39 5.62 -7.12
C HIS A 199 8.26 5.18 -8.31
N GLU A 200 9.56 5.04 -8.12
CA GLU A 200 10.49 4.76 -9.26
C GLU A 200 10.22 3.34 -9.80
N PHE A 201 9.81 2.39 -8.96
CA PHE A 201 9.53 0.99 -9.35
C PHE A 201 8.27 1.02 -10.22
N GLY A 202 7.38 1.99 -9.97
CA GLY A 202 6.25 2.28 -10.86
C GLY A 202 6.69 2.51 -12.29
N HIS A 203 7.67 3.38 -12.50
CA HIS A 203 8.30 3.58 -13.84
C HIS A 203 8.92 2.26 -14.32
N ALA A 204 9.65 1.55 -13.45
CA ALA A 204 10.32 0.27 -13.79
C ALA A 204 9.30 -0.81 -14.22
N LEU A 205 8.02 -0.65 -13.89
CA LEU A 205 6.91 -1.53 -14.35
C LEU A 205 6.20 -0.95 -15.58
N GLY A 206 6.49 0.30 -15.97
CA GLY A 206 5.97 0.93 -17.19
C GLY A 206 4.92 2.02 -16.97
N LEU A 207 4.77 2.55 -15.74
CA LEU A 207 3.83 3.65 -15.41
C LEU A 207 4.49 4.99 -15.73
N ASP A 208 3.66 5.91 -16.18
CA ASP A 208 4.00 7.34 -16.39
C ASP A 208 3.63 8.10 -15.11
N HIS A 209 4.02 9.35 -15.00
CA HIS A 209 3.56 10.28 -13.95
C HIS A 209 2.04 10.38 -14.01
N SER A 210 1.45 10.57 -12.84
CA SER A 210 0.03 10.89 -12.65
C SER A 210 -0.13 12.40 -12.47
N SER A 211 -1.33 12.92 -12.75
CA SER A 211 -1.73 14.32 -12.47
C SER A 211 -2.45 14.44 -11.12
N VAL A 212 -2.84 13.32 -10.53
CA VAL A 212 -3.59 13.29 -9.25
C VAL A 212 -2.58 13.50 -8.13
N PRO A 213 -2.63 14.64 -7.41
CA PRO A 213 -1.61 14.99 -6.43
C PRO A 213 -1.42 13.93 -5.33
N GLU A 214 -2.46 13.18 -5.01
CA GLU A 214 -2.46 12.19 -3.91
C GLU A 214 -1.90 10.86 -4.43
N ALA A 215 -1.62 10.73 -5.72
CA ALA A 215 -1.15 9.45 -6.29
C ALA A 215 0.34 9.27 -5.99
N LEU A 216 0.74 8.01 -5.78
CA LEU A 216 2.16 7.63 -5.69
C LEU A 216 2.91 8.12 -6.94
N MET A 217 2.30 8.00 -8.11
CA MET A 217 3.00 8.27 -9.38
C MET A 217 2.93 9.77 -9.70
N TYR A 218 2.39 10.57 -8.80
CA TYR A 218 2.58 12.04 -8.85
C TYR A 218 4.07 12.32 -8.73
N PRO A 219 4.62 13.21 -9.58
CA PRO A 219 6.07 13.38 -9.67
C PRO A 219 6.71 14.01 -8.43
N MET A 220 6.00 14.87 -7.71
CA MET A 220 6.52 15.54 -6.49
C MET A 220 6.55 14.57 -5.31
N TYR A 221 7.61 14.64 -4.53
CA TYR A 221 7.73 13.92 -3.25
C TYR A 221 6.67 14.44 -2.28
N ARG A 222 5.88 13.54 -1.71
CA ARG A 222 4.93 13.81 -0.64
C ARG A 222 5.20 12.75 0.44
N PHE A 223 5.68 13.14 1.61
CA PHE A 223 5.83 12.20 2.74
C PHE A 223 4.43 11.80 3.19
N THR A 224 4.21 10.51 3.44
CA THR A 224 2.99 9.98 4.09
C THR A 224 3.38 8.78 4.92
N GLU A 225 2.63 8.55 6.00
CA GLU A 225 2.68 7.31 6.82
C GLU A 225 1.58 6.32 6.46
N GLY A 226 0.54 6.80 5.78
CA GLY A 226 -0.55 6.00 5.21
C GLY A 226 -0.15 5.15 4.00
N PRO A 227 -1.01 4.18 3.62
CA PRO A 227 -0.75 3.29 2.48
C PRO A 227 -0.62 4.13 1.23
N PRO A 228 0.51 4.04 0.49
CA PRO A 228 0.81 4.98 -0.57
C PRO A 228 0.08 4.82 -1.91
N LEU A 229 -0.39 3.62 -2.26
CA LEU A 229 -1.11 3.44 -3.55
C LEU A 229 -2.45 4.18 -3.51
N HIS A 230 -2.75 4.85 -4.61
CA HIS A 230 -4.07 5.47 -4.91
C HIS A 230 -4.73 4.66 -6.04
N LYS A 231 -6.06 4.69 -6.08
CA LYS A 231 -6.90 4.16 -7.18
C LYS A 231 -6.17 4.33 -8.52
N ASP A 232 -5.57 5.50 -8.74
CA ASP A 232 -4.99 5.93 -10.04
C ASP A 232 -3.77 5.08 -10.34
N ASP A 233 -2.97 4.76 -9.32
CA ASP A 233 -1.76 3.91 -9.46
C ASP A 233 -2.23 2.50 -9.81
N VAL A 234 -3.17 1.98 -9.04
CA VAL A 234 -3.68 0.60 -9.21
C VAL A 234 -4.27 0.45 -10.60
N ASN A 235 -5.13 1.41 -10.97
CA ASN A 235 -5.76 1.47 -12.30
C ASN A 235 -4.70 1.63 -13.38
N GLY A 236 -3.65 2.42 -13.17
CA GLY A 236 -2.60 2.55 -14.21
C GLY A 236 -1.98 1.20 -14.47
N ILE A 237 -1.72 0.43 -13.41
CA ILE A 237 -1.10 -0.91 -13.53
C ILE A 237 -2.08 -1.82 -14.26
N ARG A 238 -3.35 -1.77 -13.89
CA ARG A 238 -4.42 -2.57 -14.55
C ARG A 238 -4.47 -2.27 -16.05
N HIS A 239 -4.21 -1.03 -16.49
CA HIS A 239 -4.33 -0.62 -17.92
C HIS A 239 -3.05 -0.95 -18.67
N LEU A 240 -2.19 -1.76 -18.06
CA LEU A 240 -0.86 -2.13 -18.58
C LEU A 240 -0.76 -3.65 -18.68
N TYR A 241 -1.05 -4.33 -17.56
CA TYR A 241 -0.90 -5.80 -17.41
C TYR A 241 -2.29 -6.44 -17.37
N GLY A 242 -2.61 -7.23 -18.41
CA GLY A 242 -3.83 -8.05 -18.52
C GLY A 242 -4.15 -8.77 -17.21
N THR B 13 -5.07 -26.59 28.75
CA THR B 13 -4.45 -27.87 28.25
C THR B 13 -4.60 -27.96 26.73
N ASP B 14 -3.85 -28.87 26.11
CA ASP B 14 -3.73 -29.03 24.63
C ASP B 14 -5.04 -29.58 24.07
N ARG B 15 -5.51 -30.72 24.59
CA ARG B 15 -6.75 -31.41 24.16
C ARG B 15 -7.94 -30.45 24.19
N GLN B 16 -8.07 -29.68 25.29
CA GLN B 16 -9.18 -28.71 25.52
C GLN B 16 -9.14 -27.58 24.48
N LEU B 17 -7.98 -26.92 24.34
CA LEU B 17 -7.78 -25.80 23.39
C LEU B 17 -8.16 -26.27 21.98
N ALA B 18 -7.71 -27.47 21.60
CA ALA B 18 -7.99 -28.08 20.28
C ALA B 18 -9.51 -28.15 20.09
N GLU B 19 -10.21 -28.79 21.02
CA GLU B 19 -11.69 -28.96 21.00
C GLU B 19 -12.36 -27.60 20.87
N GLU B 20 -11.93 -26.64 21.68
CA GLU B 20 -12.49 -25.26 21.78
C GLU B 20 -12.35 -24.51 20.45
N TYR B 21 -11.16 -24.54 19.86
CA TYR B 21 -10.76 -23.80 18.63
C TYR B 21 -11.49 -24.43 17.44
N LEU B 22 -11.47 -25.76 17.35
CA LEU B 22 -12.16 -26.55 16.30
C LEU B 22 -13.67 -26.27 16.30
N TYR B 23 -14.28 -26.17 17.49
CA TYR B 23 -15.73 -25.86 17.60
C TYR B 23 -15.96 -24.43 17.12
N ARG B 24 -15.31 -23.46 17.77
CA ARG B 24 -15.55 -21.99 17.63
C ARG B 24 -15.50 -21.53 16.17
N TYR B 25 -14.65 -22.13 15.34
CA TYR B 25 -14.32 -21.63 13.97
C TYR B 25 -14.96 -22.51 12.91
N GLY B 26 -15.64 -23.60 13.31
CA GLY B 26 -16.59 -24.33 12.45
C GLY B 26 -15.98 -25.56 11.78
N TYR B 27 -14.87 -26.08 12.29
CA TYR B 27 -14.22 -27.30 11.76
C TYR B 27 -15.06 -28.51 12.20
N THR B 28 -15.74 -28.36 13.34
CA THR B 28 -17.01 -29.03 13.73
C THR B 28 -18.09 -28.78 12.67
N LEU B 40 -10.28 -36.74 16.45
CA LEU B 40 -10.17 -35.33 15.95
C LEU B 40 -9.39 -35.28 14.63
N GLY B 41 -8.85 -36.40 14.13
CA GLY B 41 -8.03 -36.49 12.91
C GLY B 41 -8.63 -35.74 11.72
N PRO B 42 -9.82 -36.13 11.23
CA PRO B 42 -10.49 -35.43 10.12
C PRO B 42 -10.61 -33.90 10.28
N ALA B 43 -11.09 -33.45 11.44
CA ALA B 43 -11.27 -32.03 11.82
C ALA B 43 -9.94 -31.28 11.67
N LEU B 44 -8.87 -31.86 12.21
CA LEU B 44 -7.51 -31.26 12.22
C LEU B 44 -7.04 -31.08 10.76
N LEU B 45 -7.33 -32.05 9.88
CA LEU B 45 -6.92 -32.00 8.45
C LEU B 45 -7.63 -30.83 7.76
N LEU B 46 -8.93 -30.66 7.99
CA LEU B 46 -9.71 -29.50 7.47
C LEU B 46 -9.02 -28.21 7.93
N LEU B 47 -8.65 -28.10 9.21
CA LEU B 47 -8.02 -26.90 9.81
C LEU B 47 -6.62 -26.70 9.23
N GLN B 48 -5.85 -27.79 9.12
CA GLN B 48 -4.47 -27.76 8.58
C GLN B 48 -4.53 -27.30 7.12
N LYS B 49 -5.49 -27.79 6.34
CA LYS B 49 -5.61 -27.41 4.92
C LYS B 49 -6.06 -25.95 4.86
N GLN B 50 -7.03 -25.59 5.70
CA GLN B 50 -7.70 -24.26 5.69
C GLN B 50 -6.72 -23.17 6.16
N LEU B 51 -5.74 -23.53 6.99
CA LEU B 51 -4.72 -22.57 7.49
C LEU B 51 -3.35 -22.83 6.82
N SER B 52 -3.30 -23.69 5.79
CA SER B 52 -2.06 -24.08 5.06
C SER B 52 -0.96 -24.55 6.03
N LEU B 53 -1.27 -25.46 6.96
CA LEU B 53 -0.28 -26.15 7.85
C LEU B 53 0.01 -27.53 7.25
N PRO B 54 1.15 -28.18 7.61
CA PRO B 54 1.38 -29.57 7.26
C PRO B 54 0.11 -30.40 7.58
N GLU B 55 -0.42 -31.07 6.56
CA GLU B 55 -1.72 -31.79 6.62
C GLU B 55 -1.48 -33.19 7.19
N THR B 56 -1.19 -33.26 8.49
CA THR B 56 -0.70 -34.47 9.22
C THR B 56 -1.84 -35.21 9.92
N GLY B 57 -2.95 -34.51 10.22
CA GLY B 57 -4.06 -35.05 11.02
C GLY B 57 -3.67 -35.25 12.48
N GLU B 58 -2.52 -34.72 12.89
CA GLU B 58 -1.98 -34.83 14.27
C GLU B 58 -2.05 -33.45 14.94
N LEU B 59 -2.21 -33.43 16.27
CA LEU B 59 -2.14 -32.21 17.12
C LEU B 59 -0.68 -31.84 17.39
N ASP B 60 0.10 -31.66 16.32
CA ASP B 60 1.58 -31.50 16.35
C ASP B 60 1.92 -30.06 16.71
N SER B 61 3.21 -29.74 16.80
CA SER B 61 3.76 -28.40 17.16
C SER B 61 3.18 -27.33 16.24
N ALA B 62 3.17 -27.56 14.93
CA ALA B 62 2.68 -26.59 13.92
C ALA B 62 1.21 -26.28 14.22
N THR B 63 0.39 -27.33 14.34
CA THR B 63 -1.07 -27.23 14.60
C THR B 63 -1.31 -26.56 15.97
N LEU B 64 -0.49 -26.85 16.98
CA LEU B 64 -0.69 -26.31 18.36
C LEU B 64 -0.28 -24.82 18.40
N LYS B 65 0.82 -24.46 17.73
CA LYS B 65 1.29 -23.05 17.65
C LYS B 65 0.19 -22.25 16.97
N ALA B 66 -0.36 -22.78 15.87
CA ALA B 66 -1.48 -22.18 15.11
C ALA B 66 -2.68 -21.96 16.03
N MET B 67 -3.09 -22.98 16.81
CA MET B 67 -4.27 -22.87 17.71
C MET B 67 -4.00 -21.86 18.83
N ARG B 68 -2.72 -21.65 19.20
CA ARG B 68 -2.32 -20.67 20.25
C ARG B 68 -2.23 -19.28 19.66
N THR B 69 -2.16 -19.16 18.34
CA THR B 69 -1.91 -17.82 17.73
C THR B 69 -3.19 -17.00 17.79
N PRO B 70 -3.15 -15.83 18.43
CA PRO B 70 -4.28 -14.92 18.46
C PRO B 70 -4.77 -14.68 17.03
N ARG B 71 -6.07 -14.45 16.87
CA ARG B 71 -6.73 -14.48 15.55
C ARG B 71 -8.06 -13.74 15.58
N CYS B 72 -8.67 -13.65 14.40
CA CYS B 72 -9.99 -13.06 14.10
C CYS B 72 -11.09 -13.98 14.63
N GLY B 73 -12.10 -13.41 15.29
CA GLY B 73 -13.25 -14.14 15.86
C GLY B 73 -14.21 -14.63 14.79
N VAL B 74 -14.01 -14.27 13.52
CA VAL B 74 -14.88 -14.75 12.41
C VAL B 74 -14.54 -16.21 12.13
N PRO B 75 -15.57 -17.08 12.03
CA PRO B 75 -15.38 -18.49 11.68
C PRO B 75 -14.76 -18.69 10.30
N ASP B 76 -14.11 -19.82 10.08
CA ASP B 76 -13.44 -20.15 8.80
C ASP B 76 -14.37 -20.97 7.90
N LEU B 77 -15.34 -21.67 8.48
CA LEU B 77 -16.25 -22.62 7.75
C LEU B 77 -17.70 -22.39 8.23
N GLY B 78 -18.59 -21.96 7.34
CA GLY B 78 -20.05 -21.85 7.56
C GLY B 78 -20.45 -20.73 8.51
N THR B 82 -27.09 -16.57 10.18
CA THR B 82 -27.53 -16.16 8.83
C THR B 82 -27.60 -14.63 8.73
N PHE B 83 -27.37 -14.10 7.52
CA PHE B 83 -27.35 -12.64 7.25
C PHE B 83 -28.23 -12.34 6.02
N GLU B 84 -28.49 -11.06 5.79
CA GLU B 84 -29.41 -10.58 4.72
C GLU B 84 -28.57 -10.13 3.52
N GLY B 85 -29.05 -10.41 2.32
CA GLY B 85 -28.55 -9.83 1.06
C GLY B 85 -27.47 -10.66 0.41
N ASP B 86 -26.93 -10.22 -0.72
CA ASP B 86 -25.88 -10.95 -1.46
C ASP B 86 -24.50 -10.61 -0.86
N LEU B 87 -24.44 -9.99 0.33
CA LEU B 87 -23.23 -9.80 1.17
C LEU B 87 -22.14 -9.02 0.40
N LYS B 88 -22.52 -8.14 -0.54
CA LYS B 88 -21.62 -7.07 -1.05
C LYS B 88 -22.38 -5.75 -1.03
N TRP B 89 -21.67 -4.62 -0.96
CA TRP B 89 -22.29 -3.28 -0.97
C TRP B 89 -22.84 -2.93 -2.37
N HIS B 90 -23.92 -2.17 -2.42
CA HIS B 90 -24.66 -1.84 -3.68
C HIS B 90 -24.68 -0.32 -3.88
N HIS B 91 -23.70 0.34 -3.30
CA HIS B 91 -23.49 1.81 -3.43
C HIS B 91 -22.01 2.03 -3.21
N HIS B 92 -21.46 3.14 -3.70
CA HIS B 92 -19.99 3.32 -3.86
C HIS B 92 -19.45 4.08 -2.65
N ASN B 93 -20.28 4.91 -1.99
CA ASN B 93 -19.78 5.73 -0.86
C ASN B 93 -20.15 5.02 0.45
N ILE B 94 -19.20 4.26 0.97
CA ILE B 94 -19.35 3.52 2.26
C ILE B 94 -19.02 4.49 3.37
N THR B 95 -19.89 4.60 4.37
CA THR B 95 -19.75 5.53 5.50
C THR B 95 -19.43 4.71 6.74
N TYR B 96 -18.61 5.28 7.62
CA TYR B 96 -18.22 4.58 8.85
C TYR B 96 -18.28 5.54 10.02
N TRP B 97 -18.82 5.04 11.14
CA TRP B 97 -18.93 5.75 12.43
C TRP B 97 -18.04 5.07 13.46
N ILE B 98 -17.05 5.80 13.96
CA ILE B 98 -16.28 5.38 15.17
C ILE B 98 -17.13 5.68 16.38
N GLN B 99 -17.89 4.69 16.85
CA GLN B 99 -18.91 4.84 17.91
C GLN B 99 -18.22 5.18 19.23
N ASN B 100 -17.13 4.48 19.57
CA ASN B 100 -16.38 4.70 20.84
C ASN B 100 -14.87 4.49 20.62
N TYR B 101 -14.08 4.72 21.67
CA TYR B 101 -12.60 4.68 21.66
C TYR B 101 -12.03 3.84 22.80
N SER B 102 -11.09 2.96 22.49
CA SER B 102 -10.14 2.43 23.49
C SER B 102 -9.36 3.60 24.09
N GLU B 103 -8.98 3.46 25.36
CA GLU B 103 -8.18 4.47 26.10
C GLU B 103 -6.69 4.20 25.84
N ASP B 104 -6.36 3.06 25.23
CA ASP B 104 -4.98 2.59 24.99
C ASP B 104 -4.19 3.58 24.13
N LEU B 105 -4.88 4.34 23.27
CA LEU B 105 -4.22 5.23 22.29
C LEU B 105 -4.99 6.55 22.26
N PRO B 106 -4.32 7.67 21.89
CA PRO B 106 -5.00 8.92 21.65
C PRO B 106 -6.05 8.73 20.54
N ARG B 107 -7.14 9.50 20.65
CA ARG B 107 -8.31 9.44 19.73
C ARG B 107 -7.82 9.64 18.30
N ALA B 108 -6.89 10.58 18.08
CA ALA B 108 -6.37 10.95 16.75
C ALA B 108 -5.66 9.75 16.12
N VAL B 109 -4.93 8.99 16.93
CA VAL B 109 -4.12 7.82 16.49
C VAL B 109 -5.08 6.69 16.11
N ILE B 110 -6.12 6.49 16.89
CA ILE B 110 -7.18 5.49 16.56
C ILE B 110 -7.84 5.90 15.23
N ASP B 111 -8.28 7.15 15.12
CA ASP B 111 -8.95 7.72 13.92
C ASP B 111 -8.05 7.49 12.71
N ASP B 112 -6.75 7.74 12.87
CA ASP B 112 -5.77 7.62 11.76
C ASP B 112 -5.57 6.14 11.41
N ALA B 113 -5.50 5.27 12.40
CA ALA B 113 -5.32 3.81 12.15
C ALA B 113 -6.50 3.30 11.30
N PHE B 114 -7.73 3.70 11.63
CA PHE B 114 -8.92 3.32 10.82
C PHE B 114 -8.84 3.96 9.42
N ALA B 115 -8.46 5.21 9.35
CA ALA B 115 -8.44 5.91 8.05
C ALA B 115 -7.46 5.18 7.12
N ARG B 116 -6.28 4.87 7.64
CA ARG B 116 -5.21 4.16 6.90
C ARG B 116 -5.72 2.79 6.47
N ALA B 117 -6.43 2.07 7.35
CA ALA B 117 -7.01 0.74 7.03
C ALA B 117 -7.99 0.85 5.84
N PHE B 118 -8.88 1.85 5.83
CA PHE B 118 -9.81 2.09 4.69
C PHE B 118 -9.02 2.50 3.43
N ALA B 119 -7.96 3.30 3.59
CA ALA B 119 -7.15 3.80 2.43
C ALA B 119 -6.54 2.61 1.68
N LEU B 120 -6.22 1.51 2.38
CA LEU B 120 -5.82 0.20 1.77
C LEU B 120 -6.88 -0.33 0.80
N TRP B 121 -8.11 -0.50 1.27
CA TRP B 121 -9.23 -1.05 0.46
C TRP B 121 -9.66 -0.05 -0.61
N SER B 122 -9.61 1.24 -0.30
CA SER B 122 -10.00 2.33 -1.22
C SER B 122 -9.25 2.22 -2.56
N ALA B 123 -7.95 1.97 -2.52
CA ALA B 123 -7.13 2.01 -3.75
C ALA B 123 -7.51 0.86 -4.69
N VAL B 124 -8.03 -0.26 -4.18
CA VAL B 124 -8.12 -1.49 -5.02
C VAL B 124 -9.57 -1.84 -5.28
N THR B 125 -10.50 -0.94 -4.95
CA THR B 125 -11.96 -1.11 -5.16
C THR B 125 -12.55 0.13 -5.84
N PRO B 126 -13.81 0.04 -6.31
CA PRO B 126 -14.55 1.22 -6.78
C PRO B 126 -15.31 1.94 -5.63
N LEU B 127 -14.86 1.74 -4.39
CA LEU B 127 -15.49 2.32 -3.18
C LEU B 127 -14.63 3.45 -2.65
N THR B 128 -15.31 4.43 -2.05
CA THR B 128 -14.76 5.49 -1.19
C THR B 128 -15.29 5.27 0.21
N PHE B 129 -14.49 5.60 1.20
CA PHE B 129 -14.91 5.50 2.62
C PHE B 129 -15.04 6.92 3.16
N THR B 130 -16.17 7.21 3.77
CA THR B 130 -16.42 8.51 4.43
C THR B 130 -16.66 8.29 5.90
N ARG B 131 -15.86 8.95 6.73
CA ARG B 131 -16.10 9.00 8.19
C ARG B 131 -17.29 9.92 8.45
N VAL B 132 -18.24 9.44 9.24
CA VAL B 132 -19.45 10.20 9.67
C VAL B 132 -19.56 10.13 11.20
N TYR B 133 -20.48 10.89 11.79
CA TYR B 133 -20.48 11.13 13.25
C TYR B 133 -21.85 10.84 13.86
N SER B 134 -22.64 9.99 13.21
CA SER B 134 -23.99 9.56 13.66
C SER B 134 -24.19 8.08 13.33
N ARG B 135 -25.20 7.45 13.96
CA ARG B 135 -25.59 6.04 13.77
C ARG B 135 -25.87 5.78 12.28
N ASP B 136 -26.20 6.82 11.51
CA ASP B 136 -26.46 6.70 10.05
C ASP B 136 -25.13 6.41 9.35
N ALA B 137 -24.73 5.14 9.34
CA ALA B 137 -23.44 4.70 8.78
C ALA B 137 -23.53 3.23 8.39
N ASP B 138 -22.89 2.87 7.27
CA ASP B 138 -22.83 1.48 6.76
C ASP B 138 -21.98 0.69 7.75
N ILE B 139 -20.74 1.12 7.99
CA ILE B 139 -19.80 0.41 8.91
C ILE B 139 -19.74 1.14 10.25
N VAL B 140 -20.30 0.52 11.30
CA VAL B 140 -20.22 1.01 12.70
C VAL B 140 -19.04 0.29 13.35
N ILE B 141 -18.11 1.07 13.89
CA ILE B 141 -16.84 0.63 14.53
C ILE B 141 -16.93 0.77 16.05
N GLN B 142 -16.66 -0.31 16.78
CA GLN B 142 -16.90 -0.37 18.25
C GLN B 142 -15.78 -1.18 18.91
N PHE B 143 -15.28 -0.66 20.03
CA PHE B 143 -14.42 -1.37 20.99
C PHE B 143 -15.30 -1.92 22.11
N GLY B 144 -15.12 -3.19 22.48
CA GLY B 144 -15.97 -3.87 23.47
C GLY B 144 -15.26 -5.01 24.15
N VAL B 145 -15.88 -5.56 25.21
CA VAL B 145 -15.33 -6.68 26.04
C VAL B 145 -16.45 -7.69 26.31
N ALA B 146 -16.10 -8.98 26.36
CA ALA B 146 -17.02 -10.10 26.64
C ALA B 146 -18.26 -9.94 25.75
N GLU B 147 -19.46 -10.08 26.31
CA GLU B 147 -20.73 -9.74 25.63
C GLU B 147 -20.78 -8.21 25.48
N HIS B 148 -20.86 -7.70 24.25
CA HIS B 148 -20.83 -6.24 23.99
C HIS B 148 -22.04 -5.87 23.12
N GLY B 149 -23.13 -6.60 23.31
CA GLY B 149 -24.47 -6.27 22.78
C GLY B 149 -24.69 -6.88 21.40
N ASP B 150 -24.04 -7.99 21.06
CA ASP B 150 -24.34 -8.71 19.80
C ASP B 150 -24.35 -10.23 20.01
N GLY B 151 -24.09 -10.71 21.23
CA GLY B 151 -24.13 -12.15 21.53
C GLY B 151 -23.10 -12.91 20.71
N TYR B 152 -22.05 -12.22 20.28
CA TYR B 152 -20.79 -12.85 19.81
C TYR B 152 -19.71 -12.37 20.77
N PRO B 153 -19.67 -12.92 21.99
CA PRO B 153 -18.86 -12.33 23.05
C PRO B 153 -17.36 -12.48 22.74
N PHE B 154 -16.58 -11.48 23.15
CA PHE B 154 -15.09 -11.56 23.19
C PHE B 154 -14.67 -12.39 24.40
N ASP B 155 -13.38 -12.67 24.53
CA ASP B 155 -12.81 -13.79 25.31
C ASP B 155 -11.68 -13.29 26.21
N GLY B 156 -11.64 -11.99 26.52
CA GLY B 156 -10.57 -11.40 27.35
C GLY B 156 -9.27 -11.27 26.57
N LYS B 157 -8.15 -11.07 27.29
CA LYS B 157 -6.80 -10.92 26.70
C LYS B 157 -6.51 -12.07 25.72
N ASP B 158 -5.78 -11.78 24.63
CA ASP B 158 -5.39 -12.75 23.57
C ASP B 158 -6.63 -13.49 23.03
N GLY B 159 -6.42 -14.64 22.41
CA GLY B 159 -7.46 -15.36 21.67
C GLY B 159 -7.97 -14.53 20.50
N LEU B 160 -9.30 -14.33 20.45
CA LEU B 160 -10.04 -13.46 19.49
C LEU B 160 -9.57 -12.03 19.72
N LEU B 161 -9.17 -11.27 18.69
CA LEU B 161 -8.81 -9.83 18.84
C LEU B 161 -9.99 -8.93 18.45
N ALA B 162 -10.87 -9.40 17.57
CA ALA B 162 -11.87 -8.56 16.86
C ALA B 162 -12.73 -9.45 15.98
N HIS B 163 -13.85 -8.92 15.52
CA HIS B 163 -14.65 -9.55 14.45
C HIS B 163 -15.41 -8.49 13.68
N ALA B 164 -15.98 -8.91 12.57
CA ALA B 164 -16.78 -8.05 11.67
C ALA B 164 -17.86 -8.89 11.00
N PHE B 165 -18.79 -8.20 10.35
CA PHE B 165 -20.03 -8.74 9.74
C PHE B 165 -20.08 -8.36 8.26
N PRO B 166 -20.65 -9.22 7.41
CA PRO B 166 -20.62 -9.00 5.97
C PRO B 166 -21.50 -7.83 5.57
N PRO B 167 -21.30 -7.23 4.38
CA PRO B 167 -22.11 -6.10 3.94
C PRO B 167 -23.61 -6.40 4.06
N GLY B 168 -24.37 -5.37 4.36
CA GLY B 168 -25.82 -5.44 4.59
C GLY B 168 -26.22 -4.41 5.64
N PRO B 169 -27.52 -4.43 6.04
CA PRO B 169 -28.06 -3.47 6.99
C PRO B 169 -27.85 -3.85 8.46
N GLY B 170 -28.08 -2.88 9.35
CA GLY B 170 -27.98 -3.06 10.81
C GLY B 170 -26.57 -3.42 11.22
N ILE B 171 -26.41 -4.50 11.99
CA ILE B 171 -25.09 -5.01 12.45
C ILE B 171 -24.23 -5.36 11.24
N GLN B 172 -24.83 -5.63 10.09
CA GLN B 172 -24.09 -6.04 8.88
C GLN B 172 -23.13 -4.89 8.46
N GLY B 173 -21.92 -5.27 8.04
CA GLY B 173 -20.81 -4.36 7.73
C GLY B 173 -20.08 -3.83 8.96
N ASP B 174 -20.50 -4.12 10.19
CA ASP B 174 -19.89 -3.54 11.42
C ASP B 174 -18.59 -4.27 11.77
N ALA B 175 -17.73 -3.63 12.55
CA ALA B 175 -16.41 -4.15 12.99
C ALA B 175 -16.21 -3.83 14.47
N HIS B 176 -15.93 -4.87 15.26
CA HIS B 176 -15.82 -4.78 16.75
C HIS B 176 -14.43 -5.24 17.17
N PHE B 177 -13.82 -4.53 18.12
CA PHE B 177 -12.41 -4.69 18.54
C PHE B 177 -12.38 -5.01 20.03
N ASP B 178 -11.67 -6.08 20.40
CA ASP B 178 -11.68 -6.64 21.78
C ASP B 178 -10.80 -5.72 22.62
N ASP B 179 -11.41 -4.88 23.47
CA ASP B 179 -10.66 -3.84 24.21
C ASP B 179 -10.01 -4.47 25.46
N ASP B 180 -10.18 -5.77 25.69
CA ASP B 180 -9.36 -6.54 26.65
C ASP B 180 -7.96 -6.75 26.07
N GLU B 181 -7.77 -6.50 24.78
CA GLU B 181 -6.42 -6.46 24.17
C GLU B 181 -5.81 -5.09 24.42
N LEU B 182 -4.48 -5.03 24.54
CA LEU B 182 -3.73 -3.75 24.49
C LEU B 182 -3.57 -3.36 23.03
N TRP B 183 -4.20 -2.25 22.61
CA TRP B 183 -4.14 -1.76 21.21
C TRP B 183 -2.96 -0.82 21.07
N SER B 184 -2.10 -1.13 20.11
CA SER B 184 -0.94 -0.30 19.72
C SER B 184 -0.89 -0.22 18.19
N LEU B 185 0.22 0.29 17.64
CA LEU B 185 0.59 0.17 16.22
C LEU B 185 1.56 -1.00 16.03
N GLY B 186 1.66 -1.90 17.02
CA GLY B 186 2.16 -3.28 16.87
C GLY B 186 3.64 -3.47 17.18
N LYS B 187 4.46 -2.40 17.20
CA LYS B 187 5.94 -2.52 17.37
C LYS B 187 6.24 -2.96 18.82
N GLY B 188 6.38 -4.28 19.02
CA GLY B 188 6.62 -4.94 20.32
C GLY B 188 5.36 -4.97 21.17
N GLN B 189 5.04 -3.82 21.75
CA GLN B 189 3.88 -3.46 22.62
C GLN B 189 2.50 -3.69 21.96
N GLY B 190 1.83 -4.82 22.17
CA GLY B 190 0.39 -5.00 21.86
C GLY B 190 0.09 -5.31 20.39
N TYR B 191 -1.20 -5.32 20.03
CA TYR B 191 -1.68 -5.66 18.66
C TYR B 191 -1.90 -4.40 17.85
N SER B 192 -1.42 -4.38 16.60
CA SER B 192 -1.65 -3.25 15.65
C SER B 192 -3.14 -3.16 15.34
N LEU B 193 -3.77 -2.12 15.88
CA LEU B 193 -5.14 -1.73 15.53
C LEU B 193 -5.24 -1.52 14.01
N PHE B 194 -4.21 -0.96 13.37
CA PHE B 194 -4.26 -0.75 11.92
C PHE B 194 -4.42 -2.08 11.18
N LEU B 195 -3.57 -3.08 11.50
CA LEU B 195 -3.54 -4.39 10.78
C LEU B 195 -4.82 -5.17 11.07
N VAL B 196 -5.29 -5.13 12.31
CA VAL B 196 -6.53 -5.85 12.68
C VAL B 196 -7.71 -5.15 12.00
N ALA B 197 -7.73 -3.81 12.01
CA ALA B 197 -8.82 -3.03 11.35
C ALA B 197 -8.84 -3.42 9.88
N ALA B 198 -7.69 -3.43 9.22
CA ALA B 198 -7.62 -3.68 7.77
C ALA B 198 -8.22 -5.07 7.49
N HIS B 199 -7.83 -6.06 8.26
CA HIS B 199 -8.42 -7.43 8.13
C HIS B 199 -9.94 -7.37 8.36
N GLU B 200 -10.40 -6.73 9.42
CA GLU B 200 -11.84 -6.78 9.81
C GLU B 200 -12.68 -5.98 8.79
N PHE B 201 -12.13 -4.94 8.15
CA PHE B 201 -12.84 -4.17 7.11
C PHE B 201 -12.89 -5.03 5.83
N GLY B 202 -11.94 -5.93 5.62
CA GLY B 202 -12.06 -6.90 4.52
C GLY B 202 -13.38 -7.67 4.61
N HIS B 203 -13.68 -8.21 5.79
CA HIS B 203 -14.99 -8.84 6.09
C HIS B 203 -16.11 -7.84 5.81
N ALA B 204 -15.96 -6.61 6.30
CA ALA B 204 -17.00 -5.56 6.18
C ALA B 204 -17.31 -5.29 4.72
N LEU B 205 -16.48 -5.76 3.80
CA LEU B 205 -16.64 -5.53 2.35
C LEU B 205 -17.13 -6.78 1.64
N GLY B 206 -17.16 -7.91 2.34
CA GLY B 206 -17.65 -9.19 1.80
C GLY B 206 -16.56 -10.22 1.59
N LEU B 207 -15.34 -10.04 2.13
CA LEU B 207 -14.25 -11.06 1.99
C LEU B 207 -14.34 -12.10 3.10
N ASP B 208 -14.13 -13.36 2.72
CA ASP B 208 -13.93 -14.52 3.62
C ASP B 208 -12.44 -14.60 3.94
N HIS B 209 -12.07 -15.46 4.90
CA HIS B 209 -10.65 -15.73 5.27
C HIS B 209 -9.92 -16.32 4.08
N SER B 210 -8.62 -15.99 4.00
CA SER B 210 -7.66 -16.64 3.08
C SER B 210 -6.96 -17.79 3.80
N SER B 211 -6.61 -18.80 3.01
CA SER B 211 -5.72 -19.93 3.38
C SER B 211 -4.24 -19.54 3.27
N VAL B 212 -3.95 -18.43 2.60
CA VAL B 212 -2.56 -18.00 2.27
C VAL B 212 -2.02 -17.29 3.51
N PRO B 213 -1.02 -17.87 4.19
CA PRO B 213 -0.54 -17.34 5.48
C PRO B 213 -0.08 -15.88 5.37
N GLU B 214 0.36 -15.45 4.19
CA GLU B 214 0.89 -14.07 4.00
C GLU B 214 -0.26 -13.09 3.69
N ALA B 215 -1.46 -13.59 3.37
CA ALA B 215 -2.58 -12.73 2.95
C ALA B 215 -3.04 -11.90 4.16
N LEU B 216 -3.40 -10.64 3.94
CA LEU B 216 -4.09 -9.88 5.03
C LEU B 216 -5.30 -10.68 5.55
N MET B 217 -6.05 -11.32 4.67
CA MET B 217 -7.32 -11.97 5.11
C MET B 217 -7.05 -13.34 5.75
N TYR B 218 -5.79 -13.73 5.94
CA TYR B 218 -5.46 -14.90 6.78
C TYR B 218 -5.96 -14.57 8.18
N PRO B 219 -6.62 -15.54 8.88
CA PRO B 219 -7.27 -15.24 10.18
C PRO B 219 -6.33 -14.92 11.35
N MET B 220 -5.11 -15.48 11.36
CA MET B 220 -4.12 -15.27 12.47
C MET B 220 -3.53 -13.87 12.39
N TYR B 221 -3.42 -13.19 13.53
CA TYR B 221 -2.64 -11.93 13.67
C TYR B 221 -1.19 -12.19 13.27
N ARG B 222 -0.63 -11.32 12.43
CA ARG B 222 0.76 -11.42 11.96
C ARG B 222 1.27 -9.97 11.82
N PHE B 223 2.05 -9.49 12.77
CA PHE B 223 2.58 -8.11 12.73
C PHE B 223 3.56 -8.04 11.56
N THR B 224 3.54 -6.91 10.86
CA THR B 224 4.49 -6.58 9.77
C THR B 224 4.56 -5.05 9.68
N GLU B 225 5.68 -4.50 9.25
CA GLU B 225 5.80 -3.04 8.97
C GLU B 225 5.70 -2.84 7.46
N GLY B 226 5.60 -3.94 6.72
CA GLY B 226 5.43 -3.91 5.25
C GLY B 226 3.98 -3.69 4.80
N PRO B 227 3.80 -3.39 3.50
CA PRO B 227 2.48 -3.28 2.86
C PRO B 227 1.64 -4.53 3.11
N PRO B 228 0.51 -4.41 3.83
CA PRO B 228 -0.25 -5.59 4.28
C PRO B 228 -1.04 -6.37 3.20
N LEU B 229 -1.50 -5.73 2.13
CA LEU B 229 -2.28 -6.43 1.06
C LEU B 229 -1.43 -7.42 0.30
N HIS B 230 -2.00 -8.59 0.01
CA HIS B 230 -1.41 -9.68 -0.81
C HIS B 230 -2.25 -9.87 -2.09
N LYS B 231 -1.66 -10.34 -3.19
CA LYS B 231 -2.43 -10.72 -4.41
C LYS B 231 -3.78 -11.35 -3.99
N ASP B 232 -3.74 -12.29 -3.07
CA ASP B 232 -4.94 -13.10 -2.72
C ASP B 232 -6.04 -12.18 -2.23
N ASP B 233 -5.73 -11.19 -1.40
CA ASP B 233 -6.68 -10.15 -0.95
C ASP B 233 -7.26 -9.40 -2.15
N VAL B 234 -6.41 -8.97 -3.08
CA VAL B 234 -6.81 -8.12 -4.23
C VAL B 234 -7.63 -8.96 -5.22
N ASN B 235 -7.23 -10.19 -5.51
CA ASN B 235 -8.05 -11.08 -6.37
C ASN B 235 -9.42 -11.25 -5.70
N GLY B 236 -9.43 -11.46 -4.38
CA GLY B 236 -10.67 -11.69 -3.61
C GLY B 236 -11.59 -10.49 -3.76
N ILE B 237 -11.03 -9.29 -3.65
CA ILE B 237 -11.82 -8.04 -3.69
C ILE B 237 -12.24 -7.79 -5.13
N ARG B 238 -11.39 -8.14 -6.09
CA ARG B 238 -11.70 -7.97 -7.54
C ARG B 238 -12.85 -8.93 -7.92
N HIS B 239 -12.97 -10.12 -7.31
CA HIS B 239 -14.04 -11.06 -7.71
CA HIS B 239 -14.03 -11.11 -7.61
C HIS B 239 -15.40 -10.54 -7.20
N LEU B 240 -15.43 -9.68 -6.16
CA LEU B 240 -16.66 -9.04 -5.62
C LEU B 240 -17.02 -7.76 -6.38
N TYR B 241 -16.03 -6.88 -6.61
CA TYR B 241 -16.25 -5.50 -7.12
C TYR B 241 -15.52 -5.30 -8.46
N GLY B 242 -14.91 -6.34 -9.03
CA GLY B 242 -14.38 -6.32 -10.42
C GLY B 242 -13.00 -5.69 -10.53
#